data_4FI9
#
_entry.id   4FI9
#
_cell.length_a   79.835
_cell.length_b   79.835
_cell.length_c   280.221
_cell.angle_alpha   90.00
_cell.angle_beta   90.00
_cell.angle_gamma   120.00
#
_symmetry.space_group_name_H-M   'H 3 2'
#
loop_
_entity.id
_entity.type
_entity.pdbx_description
1 polymer 'SUN domain-containing protein 2'
2 polymer Nesprin-2
3 water water
#
loop_
_entity_poly.entity_id
_entity_poly.type
_entity_poly.pdbx_seq_one_letter_code
_entity_poly.pdbx_strand_id
1 'polypeptide(L)'
;VTEEQVHHIVKQALQRYSEDRIGLADYALESGGASVISTRCSETYETKTALLSLFGIPLWYHSQSPRVILQPDVHPGNCW
AFQGPQGFAVVRLSARIRPTAVTLEHVPKALSPNSTISSAPKDFAIFGFDEDLQQEGTLLGKFTYDQDGEPIQTFHFQAP
TMATYQVVELRILTNWGHPEYTCIYRFRVHGEPAH
;
A
2 'polypeptide(L)' FYPMLRYTNGPPPT B
#
# COMPACT_ATOMS: atom_id res chain seq x y z
N VAL A 1 -12.83 35.71 -10.79
CA VAL A 1 -13.42 35.38 -9.45
C VAL A 1 -13.07 36.41 -8.37
N THR A 2 -13.87 36.42 -7.31
CA THR A 2 -13.60 37.27 -6.16
C THR A 2 -12.77 36.54 -5.10
N GLU A 3 -12.03 37.33 -4.32
CA GLU A 3 -11.26 36.82 -3.18
C GLU A 3 -12.11 35.87 -2.33
N GLU A 4 -13.34 36.26 -2.03
CA GLU A 4 -14.24 35.41 -1.26
C GLU A 4 -14.33 34.04 -1.89
N GLN A 5 -14.49 33.98 -3.21
CA GLN A 5 -14.59 32.69 -3.90
C GLN A 5 -13.31 31.89 -3.71
N VAL A 6 -12.17 32.57 -3.73
CA VAL A 6 -10.87 31.90 -3.65
C VAL A 6 -10.72 31.17 -2.33
N HIS A 7 -10.96 31.90 -1.24
CA HIS A 7 -10.93 31.33 0.11
C HIS A 7 -11.80 30.09 0.25
N HIS A 8 -13.01 30.13 -0.29
CA HIS A 8 -13.89 28.97 -0.26
C HIS A 8 -13.28 27.80 -1.02
N ILE A 9 -12.66 28.08 -2.17
CA ILE A 9 -12.04 27.03 -2.99
C ILE A 9 -10.91 26.38 -2.18
N VAL A 10 -10.08 27.22 -1.57
CA VAL A 10 -8.98 26.75 -0.74
C VAL A 10 -9.46 25.95 0.48
N LYS A 11 -10.42 26.51 1.21
CA LYS A 11 -10.99 25.83 2.38
C LYS A 11 -11.45 24.44 2.01
N GLN A 12 -12.26 24.36 0.95
CA GLN A 12 -12.78 23.10 0.46
C GLN A 12 -11.62 22.20 0.10
N ALA A 13 -10.64 22.76 -0.60
CA ALA A 13 -9.48 22.01 -1.05
C ALA A 13 -8.72 21.43 0.14
N LEU A 14 -8.50 22.25 1.17
CA LEU A 14 -7.71 21.83 2.33
C LEU A 14 -8.46 20.79 3.10
N GLN A 15 -9.77 20.94 3.15
CA GLN A 15 -10.65 20.00 3.83
C GLN A 15 -10.59 18.59 3.23
N ARG A 16 -10.70 18.50 1.91
CA ARG A 16 -10.56 17.21 1.24
C ARG A 16 -9.18 16.59 1.48
N TYR A 17 -8.17 17.45 1.56
CA TYR A 17 -6.80 17.04 1.77
C TYR A 17 -6.65 16.32 3.10
N SER A 18 -7.37 16.80 4.09
CA SER A 18 -7.22 16.31 5.44
C SER A 18 -8.11 15.12 5.71
N GLU A 19 -8.89 14.73 4.71
CA GLU A 19 -9.71 13.52 4.78
C GLU A 19 -8.98 12.37 4.12
N ASP A 20 -7.80 12.05 4.64
CA ASP A 20 -6.93 11.02 4.05
C ASP A 20 -6.67 11.28 2.58
N ARG A 21 -6.78 12.53 2.17
CA ARG A 21 -6.38 13.00 0.85
C ARG A 21 -7.41 12.74 -0.25
N ILE A 22 -8.09 11.61 -0.18
CA ILE A 22 -9.00 11.22 -1.25
C ILE A 22 -10.45 11.28 -0.80
N GLY A 23 -10.66 11.45 0.49
CA GLY A 23 -12.00 11.53 1.09
C GLY A 23 -12.87 10.27 1.11
N LEU A 24 -12.28 9.10 0.92
CA LEU A 24 -13.06 7.86 1.06
C LEU A 24 -12.55 6.98 2.21
N ALA A 25 -13.48 6.45 2.98
CA ALA A 25 -13.15 5.48 4.03
C ALA A 25 -12.30 4.32 3.47
N ASP A 26 -11.38 3.84 4.30
CA ASP A 26 -10.44 2.80 3.88
C ASP A 26 -10.66 1.58 4.73
N TYR A 27 -11.34 0.59 4.17
CA TYR A 27 -11.66 -0.63 4.93
C TYR A 27 -10.47 -1.54 5.14
N ALA A 28 -9.34 -1.13 4.56
CA ALA A 28 -8.09 -1.82 4.71
C ALA A 28 -7.11 -1.11 5.65
N LEU A 29 -7.51 0.02 6.23
CA LEU A 29 -6.64 0.72 7.19
C LEU A 29 -6.46 -0.09 8.48
N GLU A 30 -5.21 -0.30 8.89
CA GLU A 30 -4.93 -1.20 9.99
C GLU A 30 -5.51 -0.75 11.33
N SER A 31 -5.34 0.54 11.63
CA SER A 31 -5.80 1.08 12.91
C SER A 31 -7.32 1.08 12.98
N GLY A 32 -7.94 1.10 11.81
CA GLY A 32 -9.38 1.02 11.70
C GLY A 32 -9.91 -0.40 11.88
N GLY A 33 -9.01 -1.38 11.86
CA GLY A 33 -9.37 -2.76 12.12
C GLY A 33 -8.94 -3.78 11.08
N ALA A 34 -8.31 -3.33 10.00
CA ALA A 34 -7.79 -4.22 8.99
C ALA A 34 -6.52 -4.90 9.49
N SER A 35 -6.26 -6.08 9.00
CA SER A 35 -5.02 -6.78 9.31
C SER A 35 -4.59 -7.61 8.13
N VAL A 36 -3.31 -7.91 8.10
CA VAL A 36 -2.70 -8.77 7.09
C VAL A 36 -2.69 -10.21 7.65
N ILE A 37 -2.70 -11.19 6.76
CA ILE A 37 -2.75 -12.59 7.18
C ILE A 37 -1.37 -13.27 7.29
N SER A 38 -0.44 -12.93 6.40
CA SER A 38 0.99 -13.37 6.51
C SER A 38 1.28 -14.77 5.97
N THR A 39 0.67 -15.79 6.59
CA THR A 39 0.80 -17.18 6.15
C THR A 39 0.36 -17.29 4.69
N ARG A 40 -0.76 -16.66 4.36
CA ARG A 40 -1.11 -16.34 2.98
C ARG A 40 -0.56 -14.95 2.77
N CYS A 41 0.24 -14.81 1.72
CA CYS A 41 0.86 -13.55 1.26
C CYS A 41 2.40 -13.54 1.34
N SER A 42 3.01 -13.17 0.21
CA SER A 42 4.46 -13.24 -0.13
C SER A 42 5.56 -13.08 0.93
N GLU A 43 6.73 -13.61 0.60
CA GLU A 43 7.91 -13.48 1.44
C GLU A 43 8.59 -12.13 1.21
N THR A 44 8.87 -11.43 2.31
CA THR A 44 9.58 -10.15 2.33
C THR A 44 10.99 -10.27 1.76
N TYR A 45 11.38 -9.30 0.93
CA TYR A 45 12.73 -9.24 0.38
C TYR A 45 13.74 -9.08 1.51
N GLU A 46 14.60 -10.07 1.72
CA GLU A 46 15.63 -10.01 2.76
C GLU A 46 16.81 -9.12 2.32
N THR A 47 17.26 -8.22 3.18
CA THR A 47 18.33 -7.26 2.82
C THR A 47 19.58 -7.31 3.70
N LYS A 48 19.39 -7.31 5.02
CA LYS A 48 20.51 -7.28 6.00
C LYS A 48 21.36 -6.00 5.93
N THR A 49 20.68 -4.86 5.89
CA THR A 49 21.34 -3.54 5.92
C THR A 49 21.16 -2.83 7.28
N ALA A 50 19.89 -2.73 7.71
CA ALA A 50 19.51 -1.96 8.91
C ALA A 50 19.69 -2.71 10.24
N LEU A 51 20.84 -2.50 10.89
CA LEU A 51 21.15 -3.14 12.18
C LEU A 51 20.84 -2.27 13.41
N LEU A 52 19.74 -2.59 14.07
CA LEU A 52 19.31 -1.90 15.30
C LEU A 52 19.92 -2.56 16.56
N SER A 53 20.44 -1.74 17.46
CA SER A 53 21.04 -2.24 18.72
C SER A 53 20.88 -1.27 19.91
N LEU A 54 20.79 -1.84 21.11
CA LEU A 54 20.64 -1.05 22.34
C LEU A 54 21.81 -1.32 23.28
N PHE A 55 21.97 -0.46 24.29
CA PHE A 55 23.03 -0.57 25.34
C PHE A 55 24.41 -1.13 24.90
N GLY A 56 24.75 -0.98 23.62
CA GLY A 56 26.12 -1.46 23.16
C GLY A 56 26.18 -2.66 22.19
N ILE A 57 25.31 -3.63 22.45
CA ILE A 57 25.38 -4.89 21.69
C ILE A 57 24.36 -5.03 20.55
N PRO A 58 24.80 -5.53 19.39
CA PRO A 58 23.93 -5.85 18.25
C PRO A 58 22.77 -6.78 18.63
N LEU A 59 21.59 -6.50 18.06
CA LEU A 59 20.39 -7.29 18.32
C LEU A 59 19.92 -8.02 17.06
N TRP A 60 19.39 -7.27 16.09
CA TRP A 60 18.92 -7.83 14.84
C TRP A 60 18.82 -6.78 13.74
N TYR A 61 18.75 -7.26 12.50
CA TYR A 61 18.39 -6.44 11.36
C TYR A 61 16.87 -6.36 11.27
N HIS A 62 16.33 -5.14 11.37
CA HIS A 62 14.91 -4.92 11.15
C HIS A 62 14.65 -4.80 9.65
N SER A 63 13.52 -5.33 9.20
CA SER A 63 13.06 -5.09 7.83
C SER A 63 11.53 -4.95 7.82
N GLN A 64 11.04 -3.97 7.05
CA GLN A 64 9.62 -3.64 7.00
C GLN A 64 8.76 -4.86 6.73
N SER A 65 7.73 -5.04 7.54
CA SER A 65 6.83 -6.18 7.41
C SER A 65 5.67 -5.83 6.48
N PRO A 66 4.88 -6.85 6.07
CA PRO A 66 3.76 -6.59 5.17
C PRO A 66 2.76 -5.57 5.70
N ARG A 67 2.60 -5.49 7.03
CA ARG A 67 1.56 -4.60 7.56
C ARG A 67 1.73 -3.11 7.27
N VAL A 68 2.93 -2.69 6.90
CA VAL A 68 3.15 -1.29 6.57
C VAL A 68 2.38 -0.82 5.31
N ILE A 69 1.87 -1.78 4.54
CA ILE A 69 1.08 -1.44 3.34
C ILE A 69 -0.31 -0.97 3.73
N LEU A 70 -0.65 -1.11 5.00
CA LEU A 70 -1.93 -0.67 5.54
C LEU A 70 -1.74 0.47 6.52
N GLN A 71 -0.53 1.00 6.53
CA GLN A 71 -0.20 2.05 7.46
C GLN A 71 -0.03 3.38 6.69
N PRO A 72 -0.52 4.51 7.27
CA PRO A 72 -0.64 5.77 6.57
C PRO A 72 0.69 6.38 6.23
N ASP A 73 1.69 6.09 7.06
CA ASP A 73 3.03 6.64 6.93
C ASP A 73 3.67 6.27 5.59
N VAL A 74 3.90 7.25 4.72
CA VAL A 74 4.46 6.94 3.42
C VAL A 74 5.71 7.71 3.01
N HIS A 75 6.55 8.07 3.98
CA HIS A 75 7.82 8.66 3.64
C HIS A 75 8.67 7.57 2.97
N PRO A 76 9.70 7.96 2.19
CA PRO A 76 10.62 7.00 1.60
C PRO A 76 11.06 5.90 2.56
N GLY A 77 10.88 4.66 2.13
CA GLY A 77 11.30 3.51 2.93
C GLY A 77 10.17 2.87 3.70
N ASN A 78 9.07 3.61 3.86
CA ASN A 78 7.90 3.11 4.57
C ASN A 78 7.06 2.18 3.71
N CYS A 79 7.75 1.27 3.02
CA CYS A 79 7.09 0.36 2.11
C CYS A 79 7.46 -1.07 2.47
N TRP A 80 6.67 -2.00 1.97
CA TRP A 80 6.98 -3.42 2.09
C TRP A 80 7.49 -3.94 0.76
N ALA A 81 8.63 -4.64 0.81
CA ALA A 81 9.29 -5.12 -0.40
C ALA A 81 9.20 -6.64 -0.56
N PHE A 82 9.27 -7.12 -1.80
CA PHE A 82 9.28 -8.55 -2.05
C PHE A 82 10.17 -8.85 -3.24
N GLN A 83 10.62 -10.10 -3.31
CA GLN A 83 11.51 -10.55 -4.36
C GLN A 83 10.88 -10.46 -5.75
N GLY A 84 11.57 -9.75 -6.64
CA GLY A 84 11.19 -9.69 -8.06
C GLY A 84 9.98 -8.84 -8.38
N PRO A 85 9.43 -9.01 -9.60
CA PRO A 85 8.28 -8.22 -10.04
C PRO A 85 6.86 -8.78 -9.75
N GLN A 86 6.74 -9.99 -9.24
CA GLN A 86 5.39 -10.51 -8.89
C GLN A 86 5.23 -10.93 -7.43
N GLY A 87 4.06 -10.63 -6.84
CA GLY A 87 3.85 -10.84 -5.41
C GLY A 87 2.44 -10.84 -4.83
N PHE A 88 2.26 -11.69 -3.83
CA PHE A 88 1.03 -11.87 -3.05
C PHE A 88 0.94 -10.94 -1.83
N ALA A 89 -0.25 -10.41 -1.57
CA ALA A 89 -0.59 -9.80 -0.29
C ALA A 89 -2.10 -9.94 -0.02
N VAL A 90 -2.44 -10.37 1.20
CA VAL A 90 -3.85 -10.68 1.55
C VAL A 90 -4.33 -10.00 2.85
N VAL A 91 -5.43 -9.27 2.74
CA VAL A 91 -5.95 -8.48 3.84
C VAL A 91 -7.28 -9.03 4.35
N ARG A 92 -7.47 -9.04 5.66
CA ARG A 92 -8.80 -9.19 6.23
C ARG A 92 -9.22 -7.74 6.50
N LEU A 93 -10.27 -7.30 5.83
CA LEU A 93 -10.78 -5.94 6.03
C LEU A 93 -11.43 -5.79 7.39
N SER A 94 -11.47 -4.55 7.86
CA SER A 94 -12.10 -4.22 9.14
C SER A 94 -13.61 -4.49 9.14
N ALA A 95 -14.19 -4.67 7.96
CA ALA A 95 -15.62 -5.00 7.82
C ALA A 95 -15.91 -5.69 6.48
N ARG A 96 -16.98 -6.49 6.45
CA ARG A 96 -17.47 -7.04 5.20
C ARG A 96 -18.14 -5.94 4.38
N ILE A 97 -17.63 -5.72 3.16
CA ILE A 97 -18.14 -4.67 2.29
C ILE A 97 -18.18 -5.11 0.83
N ARG A 98 -19.02 -4.45 0.05
CA ARG A 98 -19.01 -4.55 -1.40
C ARG A 98 -17.89 -3.64 -1.92
N PRO A 99 -16.78 -4.23 -2.38
CA PRO A 99 -15.61 -3.47 -2.84
C PRO A 99 -15.95 -2.70 -4.11
N THR A 100 -15.84 -1.37 -4.05
CA THR A 100 -16.21 -0.52 -5.20
C THR A 100 -14.97 0.00 -5.90
N ALA A 101 -13.92 0.23 -5.14
CA ALA A 101 -12.68 0.78 -5.65
C ALA A 101 -11.49 0.46 -4.73
N VAL A 102 -10.29 0.58 -5.28
CA VAL A 102 -9.07 0.45 -4.47
C VAL A 102 -8.13 1.62 -4.69
N THR A 103 -7.24 1.84 -3.73
CA THR A 103 -6.22 2.85 -3.91
C THR A 103 -4.85 2.34 -3.58
N LEU A 104 -3.96 2.56 -4.54
CA LEU A 104 -2.57 2.29 -4.41
C LEU A 104 -1.78 3.58 -4.49
N GLU A 105 -0.72 3.67 -3.71
CA GLU A 105 0.15 4.82 -3.81
C GLU A 105 1.62 4.47 -3.59
N HIS A 106 2.49 5.26 -4.20
CA HIS A 106 3.92 5.10 -4.07
C HIS A 106 4.48 6.45 -3.66
N VAL A 107 5.72 6.45 -3.21
CA VAL A 107 6.48 7.68 -2.95
C VAL A 107 6.55 8.54 -4.25
N PRO A 108 6.48 9.89 -4.12
CA PRO A 108 6.61 10.75 -5.29
C PRO A 108 7.97 10.63 -5.98
N LYS A 109 7.97 10.77 -7.30
CA LYS A 109 9.19 10.77 -8.12
C LYS A 109 10.15 11.82 -7.59
N ALA A 110 9.60 13.03 -7.37
CA ALA A 110 10.36 14.19 -6.95
C ALA A 110 11.14 13.96 -5.65
N LEU A 111 10.82 12.87 -4.95
CA LEU A 111 11.43 12.61 -3.65
C LEU A 111 12.33 11.42 -3.72
N SER A 112 12.51 10.94 -4.95
CA SER A 112 13.25 9.72 -5.23
C SER A 112 14.55 10.02 -5.98
N PRO A 113 15.65 9.33 -5.62
CA PRO A 113 16.89 9.63 -6.33
C PRO A 113 16.78 9.42 -7.84
N ASN A 114 17.33 10.39 -8.60
CA ASN A 114 17.24 10.45 -10.06
C ASN A 114 15.82 10.66 -10.57
N SER A 115 14.92 11.01 -9.66
CA SER A 115 13.50 11.17 -9.98
C SER A 115 12.98 10.00 -10.82
N THR A 116 13.43 8.80 -10.47
CA THR A 116 12.82 7.59 -11.00
C THR A 116 12.33 6.76 -9.82
N ILE A 117 11.30 5.96 -10.07
CA ILE A 117 10.68 5.11 -9.03
C ILE A 117 10.50 3.67 -9.52
N SER A 118 11.59 3.06 -9.98
CA SER A 118 11.53 1.79 -10.73
C SER A 118 10.95 0.61 -9.95
N SER A 119 10.89 0.71 -8.62
CA SER A 119 10.39 -0.37 -7.76
C SER A 119 8.90 -0.25 -7.48
N ALA A 120 8.23 0.64 -8.22
CA ALA A 120 6.79 0.83 -8.15
C ALA A 120 6.07 -0.32 -8.87
N PRO A 121 4.95 -0.80 -8.31
CA PRO A 121 4.18 -1.84 -8.99
C PRO A 121 3.61 -1.32 -10.30
N LYS A 122 3.53 -2.16 -11.32
CA LYS A 122 2.95 -1.73 -12.58
C LYS A 122 1.54 -2.28 -12.68
N ASP A 123 1.39 -3.40 -13.37
CA ASP A 123 0.12 -4.08 -13.46
C ASP A 123 -0.16 -4.80 -12.15
N PHE A 124 -1.39 -4.67 -11.67
CA PHE A 124 -1.87 -5.46 -10.54
C PHE A 124 -3.31 -5.95 -10.76
N ALA A 125 -3.78 -6.83 -9.87
CA ALA A 125 -5.14 -7.33 -9.91
C ALA A 125 -5.69 -7.54 -8.50
N ILE A 126 -7.00 -7.44 -8.34
CA ILE A 126 -7.63 -7.63 -7.02
C ILE A 126 -8.56 -8.82 -7.03
N PHE A 127 -8.30 -9.78 -6.15
CA PHE A 127 -9.19 -10.90 -5.94
C PHE A 127 -9.90 -10.72 -4.63
N GLY A 128 -11.18 -11.06 -4.60
CA GLY A 128 -11.95 -11.03 -3.35
C GLY A 128 -12.36 -12.44 -2.95
N PHE A 129 -12.18 -12.76 -1.67
CA PHE A 129 -12.56 -14.07 -1.12
C PHE A 129 -13.68 -13.90 -0.12
N ASP A 130 -14.54 -14.91 -0.02
CA ASP A 130 -15.68 -14.86 0.88
C ASP A 130 -15.71 -16.10 1.78
N GLU A 131 -14.59 -16.32 2.50
CA GLU A 131 -14.50 -17.40 3.48
C GLU A 131 -13.09 -17.51 4.04
N ASP A 132 -12.17 -16.69 3.51
CA ASP A 132 -10.74 -16.77 3.81
C ASP A 132 -10.09 -18.11 3.38
N LEU A 133 -8.76 -18.09 3.24
CA LEU A 133 -7.96 -19.26 2.84
C LEU A 133 -8.34 -19.94 1.50
N GLN A 134 -7.72 -19.44 0.43
CA GLN A 134 -7.23 -20.27 -0.68
C GLN A 134 -8.09 -20.53 -1.94
N GLN A 135 -9.24 -21.22 -1.82
CA GLN A 135 -9.95 -21.82 -3.00
C GLN A 135 -9.74 -21.10 -4.35
N GLU A 136 -9.62 -19.77 -4.29
CA GLU A 136 -8.84 -18.95 -5.23
C GLU A 136 -9.40 -17.57 -5.55
N GLY A 137 -10.63 -17.34 -5.09
CA GLY A 137 -11.19 -16.00 -5.02
C GLY A 137 -11.60 -15.39 -6.34
N THR A 138 -12.55 -14.48 -6.26
CA THR A 138 -13.12 -13.87 -7.43
C THR A 138 -12.26 -12.69 -7.88
N LEU A 139 -11.88 -12.67 -9.15
CA LEU A 139 -11.22 -11.51 -9.74
C LEU A 139 -12.18 -10.35 -9.69
N LEU A 140 -11.70 -9.19 -9.23
CA LEU A 140 -12.54 -8.01 -9.13
C LEU A 140 -12.08 -6.89 -10.07
N GLY A 141 -10.84 -6.97 -10.52
CA GLY A 141 -10.26 -5.95 -11.42
C GLY A 141 -8.76 -6.04 -11.62
N LYS A 142 -8.32 -5.70 -12.83
CA LYS A 142 -6.94 -5.78 -13.22
C LYS A 142 -6.50 -4.39 -13.68
N PHE A 143 -5.72 -3.72 -12.84
CA PHE A 143 -5.36 -2.33 -13.08
C PHE A 143 -3.87 -2.12 -13.35
N THR A 144 -3.49 -0.86 -13.52
CA THR A 144 -2.10 -0.50 -13.78
C THR A 144 -1.74 0.80 -13.06
N TYR A 145 -0.76 0.73 -12.17
CA TYR A 145 -0.27 1.93 -11.51
C TYR A 145 0.58 2.75 -12.46
N ASP A 146 0.17 3.99 -12.72
CA ASP A 146 0.88 4.83 -13.66
C ASP A 146 2.06 5.51 -12.99
N GLN A 147 3.28 5.16 -13.39
CA GLN A 147 4.47 5.79 -12.82
C GLN A 147 4.61 7.27 -13.19
N ASP A 148 3.92 7.69 -14.26
CA ASP A 148 3.92 9.09 -14.69
C ASP A 148 2.69 9.85 -14.23
N GLY A 149 1.79 9.18 -13.51
CA GLY A 149 0.62 9.84 -12.90
C GLY A 149 0.98 10.44 -11.56
N GLU A 150 -0.02 10.85 -10.77
CA GLU A 150 0.22 11.29 -9.39
C GLU A 150 0.59 10.10 -8.50
N PRO A 151 1.01 10.36 -7.25
CA PRO A 151 1.46 9.28 -6.36
C PRO A 151 0.33 8.43 -5.79
N ILE A 152 -0.78 9.07 -5.46
CA ILE A 152 -1.96 8.36 -5.00
C ILE A 152 -2.84 8.20 -6.23
N GLN A 153 -3.26 6.97 -6.48
CA GLN A 153 -4.08 6.62 -7.64
C GLN A 153 -5.25 5.76 -7.22
N THR A 154 -6.46 6.25 -7.51
CA THR A 154 -7.68 5.51 -7.17
C THR A 154 -8.24 4.82 -8.41
N PHE A 155 -8.61 3.55 -8.26
CA PHE A 155 -9.09 2.74 -9.38
C PHE A 155 -10.49 2.23 -9.08
N HIS A 156 -11.47 2.71 -9.85
CA HIS A 156 -12.87 2.34 -9.65
C HIS A 156 -13.18 1.15 -10.51
N PHE A 157 -13.56 0.04 -9.88
CA PHE A 157 -13.97 -1.17 -10.57
C PHE A 157 -14.97 -0.89 -11.70
N GLN A 158 -14.69 -1.36 -12.91
CA GLN A 158 -15.65 -1.22 -14.02
C GLN A 158 -16.81 -2.19 -13.78
N ALA A 159 -17.94 -1.66 -13.30
CA ALA A 159 -19.14 -2.45 -13.02
C ALA A 159 -18.88 -3.69 -12.14
N PRO A 160 -18.64 -3.46 -10.84
CA PRO A 160 -18.46 -4.57 -9.90
C PRO A 160 -19.76 -5.33 -9.61
N THR A 161 -19.60 -6.59 -9.21
CA THR A 161 -20.73 -7.40 -8.80
C THR A 161 -21.14 -7.07 -7.36
N MET A 162 -22.40 -7.39 -7.04
CA MET A 162 -22.99 -7.03 -5.76
C MET A 162 -22.54 -7.86 -4.56
N ALA A 163 -21.81 -8.95 -4.82
CA ALA A 163 -21.32 -9.83 -3.76
C ALA A 163 -20.41 -9.05 -2.83
N THR A 164 -20.48 -9.37 -1.54
CA THR A 164 -19.69 -8.71 -0.50
C THR A 164 -18.46 -9.53 -0.11
N TYR A 165 -17.47 -8.88 0.50
CA TYR A 165 -16.24 -9.57 0.89
C TYR A 165 -15.62 -8.97 2.13
N GLN A 166 -14.84 -9.77 2.86
CA GLN A 166 -13.98 -9.28 3.93
C GLN A 166 -12.51 -9.64 3.75
N VAL A 167 -12.22 -10.61 2.90
CA VAL A 167 -10.82 -10.92 2.60
C VAL A 167 -10.55 -10.52 1.16
N VAL A 168 -9.37 -9.94 0.91
CA VAL A 168 -8.98 -9.62 -0.46
C VAL A 168 -7.49 -9.77 -0.72
N GLU A 169 -7.17 -10.03 -1.99
CA GLU A 169 -5.80 -10.13 -2.44
C GLU A 169 -5.41 -8.95 -3.30
N LEU A 170 -4.24 -8.40 -2.99
CA LEU A 170 -3.49 -7.57 -3.90
C LEU A 170 -2.45 -8.47 -4.56
N ARG A 171 -2.56 -8.65 -5.88
CA ARG A 171 -1.56 -9.42 -6.62
C ARG A 171 -0.82 -8.55 -7.65
N ILE A 172 0.47 -8.31 -7.38
CA ILE A 172 1.34 -7.53 -8.25
C ILE A 172 1.93 -8.44 -9.32
N LEU A 173 1.71 -8.07 -10.57
CA LEU A 173 2.05 -8.94 -11.68
C LEU A 173 3.37 -8.54 -12.33
N THR A 174 3.59 -7.24 -12.41
CA THR A 174 4.87 -6.70 -12.81
C THR A 174 5.12 -5.40 -12.06
N ASN A 175 6.36 -4.94 -12.11
CA ASN A 175 6.69 -3.61 -11.63
C ASN A 175 7.24 -2.72 -12.74
N TRP A 176 7.81 -1.58 -12.36
CA TRP A 176 8.30 -0.62 -13.32
C TRP A 176 9.78 -0.78 -13.61
N GLY A 177 10.29 -1.97 -13.33
CA GLY A 177 11.61 -2.37 -13.83
C GLY A 177 12.78 -2.44 -12.88
N HIS A 178 12.56 -2.37 -11.57
CA HIS A 178 13.67 -2.55 -10.65
C HIS A 178 14.14 -4.00 -10.73
N PRO A 179 15.46 -4.25 -10.69
CA PRO A 179 15.89 -5.64 -10.87
C PRO A 179 15.64 -6.54 -9.66
N GLU A 180 15.82 -6.01 -8.45
CA GLU A 180 15.83 -6.85 -7.25
C GLU A 180 14.49 -7.03 -6.53
N TYR A 181 13.71 -5.94 -6.42
CA TYR A 181 12.48 -5.97 -5.62
C TYR A 181 11.33 -5.05 -6.09
N THR A 182 10.32 -4.95 -5.23
CA THR A 182 9.14 -4.11 -5.45
C THR A 182 8.70 -3.60 -4.08
N CYS A 183 8.63 -2.29 -3.92
CA CYS A 183 8.14 -1.70 -2.68
C CYS A 183 6.70 -1.24 -2.81
N ILE A 184 5.89 -1.61 -1.83
CA ILE A 184 4.49 -1.21 -1.80
C ILE A 184 4.19 -0.34 -0.57
N TYR A 185 3.82 0.92 -0.81
CA TYR A 185 3.72 1.90 0.27
C TYR A 185 2.41 1.87 1.09
N ARG A 186 1.27 1.93 0.41
CA ARG A 186 -0.04 1.93 1.07
C ARG A 186 -1.09 1.47 0.07
N PHE A 187 -1.95 0.57 0.52
CA PHE A 187 -2.99 -0.06 -0.29
C PHE A 187 -4.33 0.13 0.39
N ARG A 188 -5.31 0.70 -0.31
CA ARG A 188 -6.59 1.05 0.31
C ARG A 188 -7.75 0.38 -0.38
N VAL A 189 -8.78 0.07 0.41
CA VAL A 189 -9.95 -0.62 -0.10
C VAL A 189 -11.18 0.14 0.31
N HIS A 190 -11.99 0.47 -0.69
CA HIS A 190 -13.20 1.21 -0.49
C HIS A 190 -14.39 0.42 -1.00
N GLY A 191 -15.54 0.67 -0.40
CA GLY A 191 -16.75 -0.05 -0.76
C GLY A 191 -17.93 0.32 0.11
N GLU A 192 -19.10 -0.19 -0.25
CA GLU A 192 -20.29 0.08 0.53
C GLU A 192 -20.38 -1.02 1.59
N PRO A 193 -20.55 -0.62 2.86
CA PRO A 193 -20.59 -1.61 3.94
C PRO A 193 -21.83 -2.48 3.87
N ALA A 194 -21.71 -3.71 4.37
CA ALA A 194 -22.82 -4.66 4.44
C ALA A 194 -23.92 -4.19 5.40
N HIS A 195 -23.58 -3.19 6.22
CA HIS A 195 -24.49 -2.48 7.15
C HIS A 195 -25.41 -3.42 7.95
N PHE B 1 12.91 3.39 25.98
CA PHE B 1 13.86 2.63 25.14
C PHE B 1 14.73 3.60 24.31
N TYR B 2 16.00 3.24 24.12
CA TYR B 2 16.90 4.03 23.27
C TYR B 2 17.83 3.18 22.39
N PRO B 3 17.28 2.63 21.29
CA PRO B 3 18.09 1.85 20.36
C PRO B 3 18.69 2.71 19.23
N MET B 4 20.01 2.57 19.04
CA MET B 4 20.70 3.23 17.94
C MET B 4 20.51 2.46 16.63
N LEU B 5 20.41 3.20 15.53
CA LEU B 5 20.25 2.61 14.20
C LEU B 5 21.43 2.90 13.26
N ARG B 6 21.83 1.88 12.53
CA ARG B 6 22.94 1.97 11.59
C ARG B 6 22.66 1.06 10.40
N TYR B 7 22.99 1.56 9.20
CA TYR B 7 22.85 0.77 7.96
C TYR B 7 24.21 0.24 7.53
N THR B 8 24.50 -1.00 7.91
CA THR B 8 25.80 -1.63 7.63
C THR B 8 26.02 -1.77 6.13
N ASN B 9 25.03 -2.33 5.45
CA ASN B 9 25.08 -2.41 3.99
C ASN B 9 24.51 -1.17 3.33
N GLY B 10 23.83 -1.33 2.20
CA GLY B 10 23.37 -0.19 1.41
C GLY B 10 22.25 0.63 2.02
N PRO B 11 21.39 1.21 1.16
CA PRO B 11 20.13 1.75 1.65
C PRO B 11 19.10 0.64 1.81
N PRO B 12 18.00 0.92 2.53
CA PRO B 12 16.87 -0.02 2.55
C PRO B 12 16.09 0.08 1.24
N PRO B 13 15.15 -0.85 1.03
CA PRO B 13 14.25 -0.77 -0.13
C PRO B 13 13.39 0.51 -0.15
N THR B 14 13.16 1.05 -1.34
CA THR B 14 12.45 2.31 -1.48
C THR B 14 11.46 2.28 -2.64
#